data_9F0I
#
_entry.id   9F0I
#
_cell.length_a   58.294
_cell.length_b   58.294
_cell.length_c   113.288
_cell.angle_alpha   90.000
_cell.angle_beta   90.000
_cell.angle_gamma   90.000
#
_symmetry.space_group_name_H-M   'P 43 21 2'
#
loop_
_entity.id
_entity.type
_entity.pdbx_description
1 polymer 'Peptidyl-prolyl cis-trans isomerase F, mitochondrial'
2 non-polymer ~{N}-(2-ethyl-1,2,3,4-tetrazol-5-yl)thiophene-2-carboxamide
3 water water
#
_entity_poly.entity_id   1
_entity_poly.type   'polypeptide(L)'
_entity_poly.pdbx_seq_one_letter_code
;MGNPLVYLDVDANGKPLGRVVLELKADVVPKTAENFRALCTGEKGFGYKGSTFHRVIPSFMCQAGDFTNHNGTGGKSIYG
SRFPDENFTLKHVGPGVLSMANAGPNTNGSQFFICTIKTDWLDGQHVVFGHVIEGMDVVKKIESFGSKSGRTSKKIVITD
CGQLS
;
_entity_poly.pdbx_strand_id   A
#
# COMPACT_ATOMS: atom_id res chain seq x y z
N GLY A 2 -5.87 -19.10 6.50
CA GLY A 2 -4.70 -18.35 6.96
C GLY A 2 -4.71 -16.91 6.47
N ASN A 3 -3.69 -16.15 6.88
CA ASN A 3 -3.57 -14.75 6.47
C ASN A 3 -3.46 -14.66 4.95
N PRO A 4 -4.20 -13.76 4.30
CA PRO A 4 -4.09 -13.65 2.84
C PRO A 4 -2.67 -13.35 2.36
N LEU A 5 -2.32 -13.95 1.24
CA LEU A 5 -1.10 -13.64 0.50
C LEU A 5 -1.53 -12.99 -0.81
N VAL A 6 -1.15 -11.72 -1.02
CA VAL A 6 -1.57 -10.97 -2.21
C VAL A 6 -0.35 -10.45 -2.96
N TYR A 7 -0.57 -9.94 -4.18
CA TYR A 7 0.53 -9.47 -5.02
C TYR A 7 0.17 -8.20 -5.76
N LEU A 8 1.22 -7.41 -6.06
CA LEU A 8 1.16 -6.24 -6.93
C LEU A 8 2.24 -6.41 -7.99
N ASP A 9 1.85 -6.38 -9.27
CA ASP A 9 2.79 -6.34 -10.39
C ASP A 9 2.91 -4.88 -10.82
N VAL A 10 4.13 -4.34 -10.81
CA VAL A 10 4.37 -2.91 -10.98
C VAL A 10 5.22 -2.63 -12.22
N ASP A 11 4.82 -1.61 -12.99
CA ASP A 11 5.52 -1.09 -14.17
C ASP A 11 6.10 0.28 -13.90
N ALA A 12 7.14 0.63 -14.67
CA ALA A 12 7.63 2.01 -14.78
C ALA A 12 7.60 2.39 -16.26
N ASN A 13 6.83 3.42 -16.60
CA ASN A 13 6.67 3.82 -18.00
C ASN A 13 6.37 2.62 -18.90
N GLY A 14 5.55 1.70 -18.40
CA GLY A 14 5.07 0.57 -19.19
C GLY A 14 5.99 -0.63 -19.20
N LYS A 15 7.11 -0.59 -18.51
CA LYS A 15 8.08 -1.68 -18.52
C LYS A 15 8.03 -2.41 -17.19
N PRO A 16 7.80 -3.72 -17.15
CA PRO A 16 7.60 -4.38 -15.86
C PRO A 16 8.84 -4.31 -14.98
N LEU A 17 8.61 -4.04 -13.68
CA LEU A 17 9.64 -4.07 -12.66
C LEU A 17 9.65 -5.36 -11.87
N GLY A 18 8.56 -6.14 -11.94
CA GLY A 18 8.44 -7.35 -11.16
C GLY A 18 7.25 -7.35 -10.21
N ARG A 19 7.27 -8.25 -9.23
CA ARG A 19 6.13 -8.49 -8.37
C ARG A 19 6.48 -8.30 -6.90
N VAL A 20 5.58 -7.63 -6.17
CA VAL A 20 5.67 -7.49 -4.72
C VAL A 20 4.60 -8.39 -4.11
N VAL A 21 5.01 -9.32 -3.24
CA VAL A 21 4.10 -10.22 -2.55
C VAL A 21 3.99 -9.76 -1.10
N LEU A 22 2.75 -9.63 -0.60
CA LEU A 22 2.48 -9.10 0.73
C LEU A 22 1.62 -10.09 1.52
N GLU A 23 1.96 -10.26 2.82
CA GLU A 23 1.11 -10.96 3.77
C GLU A 23 0.23 -9.94 4.47
N LEU A 24 -1.08 -10.20 4.51
CA LEU A 24 -2.04 -9.33 5.20
C LEU A 24 -2.41 -9.96 6.54
N LYS A 25 -2.23 -9.19 7.61
N LYS A 25 -2.20 -9.23 7.62
CA LYS A 25 -2.35 -9.70 8.98
CA LYS A 25 -2.32 -9.81 8.96
C LYS A 25 -3.81 -9.67 9.46
C LYS A 25 -3.77 -9.72 9.46
N ALA A 26 -4.62 -10.53 8.83
CA ALA A 26 -6.03 -10.59 9.17
C ALA A 26 -6.26 -11.13 10.57
N ASP A 27 -5.30 -11.89 11.13
CA ASP A 27 -5.40 -12.33 12.51
C ASP A 27 -5.29 -11.20 13.52
N VAL A 28 -4.80 -10.01 13.12
CA VAL A 28 -4.67 -8.88 14.02
C VAL A 28 -5.59 -7.73 13.63
N VAL A 29 -5.74 -7.47 12.33
CA VAL A 29 -6.56 -6.36 11.82
C VAL A 29 -7.44 -6.91 10.68
N PRO A 30 -8.47 -7.70 11.00
CA PRO A 30 -9.27 -8.32 9.95
C PRO A 30 -9.98 -7.34 9.03
N LYS A 31 -10.51 -6.23 9.56
CA LYS A 31 -11.25 -5.31 8.70
C LYS A 31 -10.32 -4.58 7.74
N THR A 32 -9.13 -4.20 8.21
CA THR A 32 -8.15 -3.50 7.38
C THR A 32 -7.54 -4.45 6.35
N ALA A 33 -7.24 -5.69 6.75
CA ALA A 33 -6.71 -6.67 5.82
C ALA A 33 -7.72 -6.98 4.73
N GLU A 34 -8.99 -7.15 5.09
CA GLU A 34 -10.02 -7.49 4.10
C GLU A 34 -10.21 -6.38 3.06
N ASN A 35 -10.19 -5.12 3.50
CA ASN A 35 -10.28 -4.00 2.56
C ASN A 35 -9.18 -4.09 1.51
N PHE A 36 -7.92 -4.25 1.94
CA PHE A 36 -6.82 -4.32 0.99
C PHE A 36 -6.92 -5.55 0.10
N ARG A 37 -7.27 -6.71 0.67
CA ARG A 37 -7.42 -7.92 -0.12
C ARG A 37 -8.41 -7.73 -1.25
N ALA A 38 -9.59 -7.19 -0.93
CA ALA A 38 -10.63 -7.03 -1.94
C ALA A 38 -10.27 -5.97 -2.98
N LEU A 39 -9.53 -4.94 -2.58
CA LEU A 39 -9.09 -3.94 -3.55
C LEU A 39 -8.04 -4.53 -4.49
N CYS A 40 -7.26 -5.52 -4.04
CA CYS A 40 -6.35 -6.24 -4.93
C CYS A 40 -7.09 -7.11 -5.94
N THR A 41 -8.14 -7.83 -5.52
CA THR A 41 -8.83 -8.69 -6.47
C THR A 41 -9.78 -7.90 -7.37
N GLY A 42 -10.19 -6.70 -6.97
CA GLY A 42 -11.20 -5.96 -7.71
C GLY A 42 -12.61 -6.49 -7.58
N GLU A 43 -12.88 -7.37 -6.62
CA GLU A 43 -14.14 -8.11 -6.61
C GLU A 43 -15.35 -7.24 -6.30
N LYS A 44 -15.16 -6.01 -5.81
CA LYS A 44 -16.26 -5.11 -5.56
C LYS A 44 -16.54 -4.19 -6.76
N GLY A 45 -15.76 -4.30 -7.82
CA GLY A 45 -15.93 -3.50 -9.00
C GLY A 45 -15.02 -2.30 -9.10
N PHE A 46 -14.11 -2.12 -8.13
CA PHE A 46 -13.09 -1.08 -8.16
C PHE A 46 -11.91 -1.59 -7.35
N GLY A 47 -10.77 -0.94 -7.49
CA GLY A 47 -9.59 -1.40 -6.79
C GLY A 47 -8.32 -0.83 -7.40
N TYR A 48 -7.20 -1.46 -7.04
CA TYR A 48 -5.89 -0.89 -7.33
C TYR A 48 -5.42 -1.10 -8.76
N LYS A 49 -5.95 -2.08 -9.48
CA LYS A 49 -5.44 -2.34 -10.83
C LYS A 49 -5.52 -1.08 -11.68
N GLY A 50 -4.38 -0.71 -12.28
CA GLY A 50 -4.29 0.44 -13.16
C GLY A 50 -3.93 1.75 -12.49
N SER A 51 -3.89 1.81 -11.16
CA SER A 51 -3.55 3.03 -10.44
C SER A 51 -2.04 3.09 -10.16
N THR A 52 -1.60 4.19 -9.53
CA THR A 52 -0.19 4.56 -9.49
C THR A 52 0.36 4.61 -8.06
N PHE A 53 1.69 4.54 -7.98
CA PHE A 53 2.44 5.02 -6.82
C PHE A 53 2.66 6.52 -7.06
N HIS A 54 1.89 7.36 -6.38
CA HIS A 54 1.89 8.79 -6.69
C HIS A 54 2.92 9.58 -5.89
N ARG A 55 3.46 9.01 -4.81
CA ARG A 55 4.41 9.70 -3.95
C ARG A 55 5.42 8.69 -3.46
N VAL A 56 6.70 8.91 -3.78
CA VAL A 56 7.75 7.96 -3.44
C VAL A 56 8.94 8.76 -2.92
N ILE A 57 9.26 8.59 -1.64
CA ILE A 57 10.33 9.36 -1.00
C ILE A 57 11.43 8.39 -0.59
N PRO A 58 12.61 8.47 -1.19
CA PRO A 58 13.69 7.53 -0.84
C PRO A 58 14.07 7.64 0.63
N SER A 59 14.43 6.49 1.20
CA SER A 59 14.77 6.37 2.62
C SER A 59 13.59 6.72 3.52
N PHE A 60 12.37 6.52 3.01
CA PHE A 60 11.14 6.72 3.78
C PHE A 60 10.11 5.67 3.38
N MET A 61 9.38 5.90 2.29
CA MET A 61 8.27 4.99 1.94
C MET A 61 7.79 5.25 0.52
N CYS A 62 7.05 4.27 -0.02
CA CYS A 62 6.41 4.34 -1.33
C CYS A 62 4.90 4.28 -1.12
N GLN A 63 4.17 5.29 -1.62
CA GLN A 63 2.75 5.46 -1.35
C GLN A 63 1.90 5.33 -2.61
N ALA A 64 0.77 4.63 -2.49
CA ALA A 64 -0.10 4.32 -3.62
C ALA A 64 -1.55 4.27 -3.16
N GLY A 65 -2.44 3.86 -4.07
CA GLY A 65 -3.81 3.52 -3.71
C GLY A 65 -4.84 4.60 -3.94
N ASP A 66 -4.47 5.76 -4.50
CA ASP A 66 -5.47 6.78 -4.86
C ASP A 66 -5.96 6.50 -6.28
N PHE A 67 -6.91 5.58 -6.40
CA PHE A 67 -7.39 5.16 -7.70
C PHE A 67 -8.54 6.02 -8.20
N THR A 68 -8.90 7.08 -7.47
CA THR A 68 -9.89 8.03 -7.96
C THR A 68 -9.28 9.31 -8.52
N ASN A 69 -8.32 9.92 -7.82
CA ASN A 69 -7.72 11.18 -8.28
C ASN A 69 -6.24 11.09 -8.63
N HIS A 70 -5.57 9.99 -8.30
CA HIS A 70 -4.21 9.72 -8.74
C HIS A 70 -3.20 10.75 -8.24
N ASN A 71 -3.48 11.40 -7.11
CA ASN A 71 -2.59 12.44 -6.63
C ASN A 71 -2.51 12.55 -5.12
N GLY A 72 -3.11 11.62 -4.37
CA GLY A 72 -3.05 11.64 -2.93
C GLY A 72 -4.21 12.30 -2.25
N THR A 73 -5.19 12.79 -3.00
CA THR A 73 -6.37 13.41 -2.42
C THR A 73 -7.56 12.47 -2.30
N GLY A 74 -7.51 11.31 -2.96
CA GLY A 74 -8.70 10.49 -3.09
C GLY A 74 -8.57 9.06 -2.61
N GLY A 75 -9.35 8.17 -3.22
CA GLY A 75 -9.48 6.80 -2.77
C GLY A 75 -10.76 6.56 -2.01
N LYS A 76 -11.11 5.28 -1.85
CA LYS A 76 -12.28 4.87 -1.08
C LYS A 76 -12.11 3.42 -0.65
N SER A 77 -12.74 3.08 0.47
CA SER A 77 -12.69 1.72 0.98
C SER A 77 -13.85 0.91 0.43
N ILE A 78 -13.79 -0.41 0.67
CA ILE A 78 -14.90 -1.28 0.29
C ILE A 78 -16.12 -1.08 1.18
N TYR A 79 -15.99 -0.34 2.29
CA TYR A 79 -17.08 -0.15 3.23
C TYR A 79 -17.83 1.15 3.00
N GLY A 80 -17.22 2.08 2.27
CA GLY A 80 -17.65 3.46 2.22
C GLY A 80 -16.45 4.33 1.99
N SER A 81 -16.66 5.65 2.05
CA SER A 81 -15.56 6.56 1.75
C SER A 81 -14.38 6.33 2.69
N ARG A 82 -14.64 6.26 4.00
CA ARG A 82 -13.61 6.13 5.01
C ARG A 82 -14.09 5.18 6.11
N PHE A 83 -13.14 4.59 6.83
CA PHE A 83 -13.45 3.71 7.95
C PHE A 83 -12.51 3.94 9.12
N PRO A 84 -12.91 3.55 10.33
CA PRO A 84 -12.13 3.86 11.52
C PRO A 84 -10.77 3.17 11.56
N ASP A 85 -9.88 3.73 12.39
CA ASP A 85 -8.64 3.06 12.79
C ASP A 85 -8.95 1.81 13.61
N GLU A 86 -8.62 0.64 13.07
CA GLU A 86 -9.01 -0.62 13.69
C GLU A 86 -8.27 -0.86 15.01
N ASN A 87 -6.93 -0.81 14.99
CA ASN A 87 -6.08 -0.82 16.17
C ASN A 87 -4.68 -0.41 15.74
N PHE A 88 -3.81 -0.17 16.72
CA PHE A 88 -2.41 0.15 16.47
C PHE A 88 -1.49 -0.92 17.05
N THR A 89 -1.93 -2.17 17.02
CA THR A 89 -1.16 -3.24 17.65
C THR A 89 0.16 -3.49 16.91
N LEU A 90 0.13 -3.56 15.58
CA LEU A 90 1.35 -3.75 14.81
C LEU A 90 2.09 -2.42 14.69
N LYS A 91 3.43 -2.50 14.71
CA LYS A 91 4.28 -1.31 14.69
C LYS A 91 5.11 -1.23 13.42
N HIS A 92 5.65 -0.03 13.17
CA HIS A 92 6.46 0.25 11.98
C HIS A 92 7.90 -0.15 12.31
N VAL A 93 8.19 -1.45 12.18
CA VAL A 93 9.41 -2.02 12.76
C VAL A 93 10.62 -1.91 11.85
N GLY A 94 10.42 -1.67 10.56
CA GLY A 94 11.52 -1.67 9.62
C GLY A 94 11.05 -1.58 8.18
N PRO A 95 12.00 -1.71 7.25
CA PRO A 95 11.63 -1.79 5.83
C PRO A 95 10.69 -2.95 5.56
N GLY A 96 9.78 -2.74 4.62
CA GLY A 96 8.86 -3.76 4.19
C GLY A 96 7.51 -3.76 4.88
N VAL A 97 7.33 -2.93 5.91
CA VAL A 97 6.04 -2.80 6.58
C VAL A 97 5.03 -2.17 5.63
N LEU A 98 3.79 -2.70 5.66
CA LEU A 98 2.65 -2.22 4.88
C LEU A 98 1.66 -1.56 5.84
N SER A 99 1.29 -0.31 5.57
CA SER A 99 0.53 0.51 6.51
C SER A 99 -0.44 1.41 5.75
N MET A 100 -1.48 1.87 6.45
CA MET A 100 -2.50 2.72 5.84
C MET A 100 -2.13 4.19 5.90
N ALA A 101 -2.28 4.89 4.77
CA ALA A 101 -2.18 6.34 4.76
C ALA A 101 -3.47 6.93 5.30
N ASN A 102 -3.40 8.15 5.83
CA ASN A 102 -4.60 8.82 6.33
C ASN A 102 -4.38 10.32 6.38
N ALA A 103 -5.46 11.03 6.69
CA ALA A 103 -5.49 12.48 6.85
C ALA A 103 -5.93 12.84 8.27
N GLY A 104 -5.51 12.04 9.24
CA GLY A 104 -5.92 12.20 10.61
C GLY A 104 -6.65 10.98 11.14
N PRO A 105 -7.03 11.00 12.41
CA PRO A 105 -7.74 9.86 12.99
C PRO A 105 -8.99 9.48 12.19
N ASN A 106 -9.15 8.16 11.99
CA ASN A 106 -10.38 7.60 11.44
C ASN A 106 -10.69 8.12 10.03
N THR A 107 -9.68 8.10 9.16
CA THR A 107 -9.83 8.52 7.77
C THR A 107 -9.21 7.53 6.79
N ASN A 108 -9.17 6.24 7.14
CA ASN A 108 -8.64 5.22 6.24
C ASN A 108 -9.58 5.05 5.05
N GLY A 109 -8.99 4.94 3.85
CA GLY A 109 -9.75 4.70 2.63
C GLY A 109 -9.14 3.55 1.85
N SER A 110 -8.40 3.88 0.78
CA SER A 110 -7.64 2.91 0.00
C SER A 110 -6.15 3.19 -0.06
N GLN A 111 -5.70 4.41 0.22
CA GLN A 111 -4.28 4.72 0.13
C GLN A 111 -3.47 4.00 1.21
N PHE A 112 -2.27 3.57 0.81
CA PHE A 112 -1.39 2.76 1.67
C PHE A 112 0.05 3.11 1.34
N PHE A 113 0.98 2.66 2.18
CA PHE A 113 2.39 2.83 1.90
C PHE A 113 3.18 1.58 2.28
N ILE A 114 4.29 1.38 1.58
CA ILE A 114 5.28 0.34 1.90
C ILE A 114 6.57 1.04 2.35
N CYS A 115 7.00 0.76 3.57
CA CYS A 115 8.16 1.44 4.15
C CYS A 115 9.48 0.93 3.57
N THR A 116 10.44 1.84 3.41
CA THR A 116 11.80 1.48 3.01
C THR A 116 12.81 1.76 4.12
N ILE A 117 12.32 2.10 5.32
CA ILE A 117 13.12 2.31 6.52
C ILE A 117 12.17 2.07 7.69
N LYS A 118 12.71 1.93 8.89
CA LYS A 118 11.88 1.90 10.08
C LYS A 118 11.23 3.27 10.29
N THR A 119 9.91 3.33 10.23
CA THR A 119 9.19 4.60 10.40
C THR A 119 8.46 4.64 11.74
N ASP A 120 9.20 4.43 12.82
CA ASP A 120 8.61 4.26 14.14
C ASP A 120 7.86 5.49 14.62
N TRP A 121 8.16 6.68 14.07
CA TRP A 121 7.46 7.90 14.46
C TRP A 121 6.00 7.92 13.98
N LEU A 122 5.59 6.94 13.19
CA LEU A 122 4.20 6.81 12.77
C LEU A 122 3.41 5.83 13.64
N ASP A 123 4.05 5.19 14.61
CA ASP A 123 3.38 4.24 15.49
C ASP A 123 2.24 4.93 16.25
N GLY A 124 1.08 4.28 16.29
CA GLY A 124 -0.07 4.86 16.97
C GLY A 124 -0.85 5.86 16.15
N GLN A 125 -0.41 6.17 14.93
CA GLN A 125 -1.10 7.13 14.05
C GLN A 125 -1.52 6.52 12.73
N HIS A 126 -0.83 5.48 12.26
CA HIS A 126 -1.18 4.75 11.04
C HIS A 126 -1.33 3.27 11.35
N VAL A 127 -2.37 2.65 10.79
CA VAL A 127 -2.68 1.24 11.04
C VAL A 127 -1.80 0.37 10.16
N VAL A 128 -0.88 -0.36 10.79
CA VAL A 128 -0.05 -1.34 10.10
C VAL A 128 -0.86 -2.62 9.92
N PHE A 129 -0.79 -3.22 8.71
CA PHE A 129 -1.59 -4.41 8.46
C PHE A 129 -0.92 -5.50 7.64
N GLY A 130 0.39 -5.43 7.41
CA GLY A 130 1.05 -6.50 6.69
C GLY A 130 2.52 -6.22 6.47
N HIS A 131 3.15 -7.03 5.62
CA HIS A 131 4.56 -6.83 5.30
C HIS A 131 4.91 -7.55 4.00
N VAL A 132 6.07 -7.19 3.45
CA VAL A 132 6.56 -7.74 2.19
C VAL A 132 7.13 -9.14 2.43
N ILE A 133 6.59 -10.14 1.74
CA ILE A 133 7.07 -11.52 1.79
C ILE A 133 8.18 -11.76 0.75
N GLU A 134 8.01 -11.20 -0.43
CA GLU A 134 8.91 -11.35 -1.56
C GLU A 134 8.83 -10.08 -2.39
N GLY A 135 9.95 -9.72 -3.03
CA GLY A 135 9.98 -8.59 -3.93
C GLY A 135 10.40 -7.29 -3.32
N MET A 136 11.14 -7.32 -2.21
CA MET A 136 11.71 -6.07 -1.70
C MET A 136 12.63 -5.45 -2.72
N ASP A 137 13.27 -6.26 -3.59
CA ASP A 137 14.09 -5.68 -4.65
C ASP A 137 13.25 -4.85 -5.61
N VAL A 138 11.99 -5.26 -5.84
CA VAL A 138 11.08 -4.49 -6.67
C VAL A 138 10.70 -3.19 -5.96
N VAL A 139 10.44 -3.27 -4.65
CA VAL A 139 10.20 -2.05 -3.87
C VAL A 139 11.39 -1.08 -4.00
N LYS A 140 12.63 -1.60 -3.94
CA LYS A 140 13.80 -0.75 -4.09
C LYS A 140 13.87 -0.12 -5.48
N LYS A 141 13.44 -0.86 -6.50
CA LYS A 141 13.34 -0.27 -7.84
C LYS A 141 12.37 0.91 -7.84
N ILE A 142 11.17 0.71 -7.29
CA ILE A 142 10.20 1.81 -7.17
C ILE A 142 10.84 3.01 -6.48
N GLU A 143 11.47 2.76 -5.33
CA GLU A 143 12.11 3.81 -4.54
C GLU A 143 13.09 4.62 -5.38
N SER A 144 13.84 3.94 -6.27
CA SER A 144 14.86 4.60 -7.08
C SER A 144 14.27 5.61 -8.07
N PHE A 145 12.97 5.56 -8.33
CA PHE A 145 12.30 6.52 -9.20
C PHE A 145 11.59 7.64 -8.44
N GLY A 146 11.77 7.70 -7.11
CA GLY A 146 11.25 8.79 -6.31
C GLY A 146 12.24 9.93 -6.13
N SER A 147 11.89 10.82 -5.22
CA SER A 147 12.69 12.01 -4.92
C SER A 147 12.30 12.55 -3.55
N LYS A 148 13.06 13.53 -3.09
CA LYS A 148 12.85 14.06 -1.74
C LYS A 148 11.49 14.72 -1.59
N SER A 149 10.96 15.34 -2.65
CA SER A 149 9.60 15.86 -2.60
C SER A 149 8.54 14.79 -2.73
N GLY A 150 8.90 13.59 -3.19
CA GLY A 150 7.95 12.54 -3.47
C GLY A 150 7.55 12.41 -4.92
N ARG A 151 7.88 13.40 -5.75
CA ARG A 151 7.52 13.29 -7.17
C ARG A 151 8.34 12.19 -7.82
N THR A 152 7.68 11.40 -8.66
CA THR A 152 8.35 10.31 -9.35
C THR A 152 8.85 10.78 -10.71
N SER A 153 9.99 10.22 -11.12
CA SER A 153 10.61 10.56 -12.41
C SER A 153 10.14 9.65 -13.53
N LYS A 154 9.36 8.63 -13.23
CA LYS A 154 8.68 7.79 -14.20
C LYS A 154 7.28 7.52 -13.64
N LYS A 155 6.35 7.17 -14.52
CA LYS A 155 4.99 6.84 -14.07
C LYS A 155 4.99 5.39 -13.58
N ILE A 156 4.74 5.22 -12.29
CA ILE A 156 4.79 3.91 -11.63
C ILE A 156 3.37 3.40 -11.46
N VAL A 157 3.03 2.30 -12.13
CA VAL A 157 1.67 1.80 -12.21
C VAL A 157 1.58 0.36 -11.69
N ILE A 158 0.53 0.09 -10.89
CA ILE A 158 0.15 -1.28 -10.54
C ILE A 158 -0.57 -1.87 -11.76
N THR A 159 0.19 -2.61 -12.59
CA THR A 159 -0.34 -3.17 -13.83
C THR A 159 -1.43 -4.20 -13.55
N ASP A 160 -1.23 -5.01 -12.51
CA ASP A 160 -2.16 -6.05 -12.14
C ASP A 160 -1.92 -6.38 -10.68
N CYS A 161 -2.93 -6.98 -10.07
CA CYS A 161 -2.85 -7.34 -8.66
C CYS A 161 -3.89 -8.42 -8.40
N GLY A 162 -3.74 -9.11 -7.28
CA GLY A 162 -4.66 -10.18 -6.95
C GLY A 162 -4.23 -10.94 -5.70
N GLN A 163 -4.82 -12.12 -5.54
CA GLN A 163 -4.60 -12.97 -4.37
C GLN A 163 -3.98 -14.29 -4.78
N LEU A 164 -2.98 -14.75 -4.00
CA LEU A 164 -2.29 -16.02 -4.23
C LEU A 164 -2.79 -17.16 -3.34
N SER A 165 -3.22 -16.85 -2.12
CA SER A 165 -3.74 -17.85 -1.19
C SER A 165 -4.40 -17.11 -0.03
#